data_9JBP
#
_entry.id   9JBP
#
_cell.length_a   1.00
_cell.length_b   1.00
_cell.length_c   1.00
_cell.angle_alpha   90.00
_cell.angle_beta   90.00
_cell.angle_gamma   90.00
#
_symmetry.space_group_name_H-M   'P 1'
#
loop_
_entity.id
_entity.type
_entity.pdbx_description
1 polymer 'Superoxide dismutase [Cu-Zn]'
2 polymer 'Unassigned poly-alanine model'
#
loop_
_entity_poly.entity_id
_entity_poly.type
_entity_poly.pdbx_seq_one_letter_code
_entity_poly.pdbx_strand_id
1 'polypeptide(L)'
;GAMDPEFMATKAVAVLKGDGPVQGIINFEQKESNGPVKVWGSIKGLTEGLHGFHVHEFGDNTAGCTSAGPHFNPLSRKHG
GPKDEERHVGDLGNVTADKDGVADVSIEDSVISLSGDHAIIGRTLVVHEKADDLGKGGNEESTKTGNAGSRLACGVIGIA
Q
;
A,B,C,D,E,F
2 'polypeptide(L)' (UNK)(UNK)(UNK)(UNK)(UNK)(UNK)(UNK)(UNK) G,H,I,J,K,L
#
# COMPACT_ATOMS: atom_id res chain seq x y z
N ALA A 9 14.91 20.66 -8.39
CA ALA A 9 13.51 20.43 -8.08
C ALA A 9 13.31 20.17 -6.59
N THR A 10 14.10 19.25 -6.05
CA THR A 10 14.02 18.90 -4.63
C THR A 10 15.40 18.97 -4.00
N LYS A 11 15.45 19.50 -2.78
CA LYS A 11 16.69 19.60 -2.03
C LYS A 11 16.48 19.05 -0.63
N ALA A 12 17.56 18.62 0.00
CA ALA A 12 17.51 18.08 1.36
C ALA A 12 18.83 18.36 2.06
N VAL A 13 18.76 19.06 3.18
CA VAL A 13 19.92 19.39 3.98
C VAL A 13 19.67 18.96 5.41
N ALA A 14 20.62 18.24 6.01
CA ALA A 14 20.52 17.78 7.38
C ALA A 14 21.77 18.22 8.14
N VAL A 15 21.57 18.91 9.26
CA VAL A 15 22.66 19.41 10.09
C VAL A 15 22.37 19.04 11.54
N LEU A 16 23.35 18.46 12.21
CA LEU A 16 23.24 18.13 13.62
C LEU A 16 24.57 18.45 14.29
N LYS A 17 24.50 19.11 15.45
CA LYS A 17 25.69 19.49 16.21
C LYS A 17 25.57 18.95 17.62
N GLY A 18 25.22 17.68 17.74
CA GLY A 18 24.96 17.08 19.05
C GLY A 18 25.75 15.81 19.25
N ASP A 19 26.14 15.57 20.51
CA ASP A 19 26.89 14.38 20.87
C ASP A 19 26.05 13.12 20.74
N GLY A 20 24.73 13.24 20.67
CA GLY A 20 23.85 12.09 20.57
C GLY A 20 24.07 11.28 19.32
N PRO A 21 24.01 9.95 19.46
CA PRO A 21 24.13 9.08 18.30
C PRO A 21 22.97 9.25 17.33
N VAL A 22 23.26 9.02 16.06
CA VAL A 22 22.25 9.06 15.00
C VAL A 22 21.81 7.64 14.70
N GLN A 23 20.50 7.41 14.71
CA GLN A 23 19.94 6.08 14.49
C GLN A 23 18.81 6.20 13.48
N GLY A 24 18.99 5.59 12.31
CA GLY A 24 17.98 5.62 11.27
C GLY A 24 18.53 6.05 9.92
N ILE A 25 17.66 6.58 9.07
CA ILE A 25 18.06 7.06 7.76
C ILE A 25 18.05 8.57 7.74
N ILE A 26 18.96 9.16 6.97
CA ILE A 26 19.06 10.60 6.81
C ILE A 26 18.92 10.93 5.33
N ASN A 27 18.04 11.89 5.04
CA ASN A 27 17.78 12.32 3.65
C ASN A 27 17.33 11.15 2.78
N PHE A 28 16.44 10.34 3.33
CA PHE A 28 15.85 9.23 2.57
C PHE A 28 14.81 9.78 1.60
N GLU A 29 14.95 9.46 0.32
CA GLU A 29 14.13 10.03 -0.74
C GLU A 29 13.54 8.93 -1.63
N GLN A 30 12.95 7.92 -1.01
CA GLN A 30 12.28 6.88 -1.77
C GLN A 30 11.19 7.47 -2.65
N LYS A 31 11.16 7.07 -3.91
CA LYS A 31 10.29 7.71 -4.88
C LYS A 31 9.85 6.71 -5.95
N GLU A 32 8.54 6.68 -6.21
CA GLU A 32 7.94 5.86 -7.27
C GLU A 32 8.36 4.40 -7.15
N SER A 33 8.34 3.89 -5.92
CA SER A 33 8.76 2.53 -5.65
C SER A 33 7.63 1.75 -4.97
N ASN A 34 7.94 0.54 -4.53
CA ASN A 34 6.99 -0.29 -3.80
C ASN A 34 7.80 -1.15 -2.83
N GLY A 35 7.82 -0.74 -1.56
CA GLY A 35 8.56 -1.46 -0.55
C GLY A 35 8.26 -0.98 0.84
N PRO A 36 7.97 -1.91 1.74
CA PRO A 36 7.73 -1.57 3.16
C PRO A 36 9.02 -1.26 3.92
N VAL A 37 9.49 -0.02 3.77
CA VAL A 37 10.69 0.41 4.47
C VAL A 37 10.45 0.38 5.98
N LYS A 38 11.34 -0.28 6.70
CA LYS A 38 11.25 -0.43 8.13
C LYS A 38 12.56 0.02 8.78
N VAL A 39 12.46 0.87 9.80
CA VAL A 39 13.62 1.38 10.51
C VAL A 39 13.48 0.99 11.97
N TRP A 40 14.50 0.32 12.50
CA TRP A 40 14.51 -0.13 13.89
C TRP A 40 15.70 0.54 14.58
N GLY A 41 15.42 1.24 15.67
CA GLY A 41 16.46 1.91 16.42
C GLY A 41 16.40 1.63 17.91
N SER A 42 17.45 1.01 18.45
CA SER A 42 17.51 0.67 19.86
C SER A 42 18.83 1.16 20.43
N ILE A 43 18.79 1.69 21.65
CA ILE A 43 19.99 2.14 22.36
C ILE A 43 19.75 1.94 23.85
N LYS A 44 20.58 1.10 24.48
CA LYS A 44 20.45 0.80 25.91
C LYS A 44 21.75 1.15 26.61
N GLY A 45 21.88 2.41 27.02
CA GLY A 45 23.04 2.87 27.77
C GLY A 45 22.84 4.29 28.24
N LEU A 46 23.92 4.91 28.72
CA LEU A 46 23.83 6.25 29.27
C LEU A 46 24.83 7.18 28.60
N THR A 47 24.41 8.43 28.43
CA THR A 47 25.24 9.47 27.84
C THR A 47 25.41 10.61 28.84
N GLU A 48 26.46 11.40 28.65
CA GLU A 48 26.77 12.50 29.55
C GLU A 48 27.03 13.77 28.72
N GLY A 49 27.05 14.90 29.41
CA GLY A 49 27.31 16.18 28.78
C GLY A 49 28.60 16.81 29.21
N UNK B 1 31.38 32.02 18.41
CA UNK B 1 30.51 32.68 17.45
C UNK B 1 30.01 31.70 16.40
N UNK B 2 29.34 30.64 16.86
CA UNK B 2 28.81 29.63 15.95
C UNK B 2 27.69 30.21 15.10
N UNK B 3 27.75 29.96 13.80
CA UNK B 3 26.75 30.46 12.87
C UNK B 3 26.49 29.43 11.79
N UNK B 4 25.22 29.19 11.48
CA UNK B 4 24.82 28.28 10.43
C UNK B 4 24.06 29.07 9.37
N UNK B 5 24.54 29.00 8.13
CA UNK B 5 23.95 29.75 7.02
C UNK B 5 23.66 28.81 5.88
N UNK B 6 22.44 28.88 5.35
CA UNK B 6 22.03 28.10 4.19
C UNK B 6 21.32 29.02 3.21
N UNK B 7 21.74 28.99 1.94
CA UNK B 7 21.19 29.85 0.91
C UNK B 7 20.80 29.00 -0.29
N UNK B 8 19.88 29.54 -1.09
CA UNK B 8 19.41 28.86 -2.29
C UNK B 8 18.89 29.86 -3.32
N ALA C 9 11.19 22.88 -6.30
CA ALA C 9 9.79 22.66 -5.99
C ALA C 9 9.59 22.39 -4.50
N THR C 10 10.37 21.46 -3.95
CA THR C 10 10.29 21.10 -2.55
C THR C 10 11.66 21.16 -1.91
N LYS C 11 11.72 21.69 -0.69
CA LYS C 11 12.96 21.79 0.07
C LYS C 11 12.74 21.23 1.46
N ALA C 12 13.83 20.79 2.09
CA ALA C 12 13.77 20.24 3.44
C ALA C 12 15.09 20.52 4.14
N VAL C 13 15.01 21.21 5.28
CA VAL C 13 16.18 21.54 6.08
C VAL C 13 15.92 21.10 7.51
N ALA C 14 16.88 20.37 8.10
CA ALA C 14 16.77 19.90 9.47
C ALA C 14 18.02 20.33 10.23
N VAL C 15 17.82 21.02 11.35
CA VAL C 15 18.91 21.51 12.19
C VAL C 15 18.62 21.14 13.63
N LEU C 16 19.60 20.54 14.30
CA LEU C 16 19.48 20.21 15.71
C LEU C 16 20.81 20.52 16.40
N LYS C 17 20.74 21.17 17.55
CA LYS C 17 21.92 21.55 18.30
C LYS C 17 21.80 21.00 19.72
N GLY C 18 21.44 19.73 19.84
CA GLY C 18 21.20 19.13 21.14
C GLY C 18 21.97 17.85 21.34
N ASP C 19 22.36 17.61 22.59
CA ASP C 19 23.10 16.40 22.95
C ASP C 19 22.26 15.15 22.80
N GLY C 20 20.95 15.28 22.74
CA GLY C 20 20.07 14.14 22.63
C GLY C 20 20.28 13.32 21.37
N PRO C 21 20.22 12.00 21.51
CA PRO C 21 20.35 11.13 20.34
C PRO C 21 19.19 11.31 19.37
N VAL C 22 19.47 11.09 18.09
CA VAL C 22 18.47 11.13 17.04
C VAL C 22 18.03 9.72 16.73
N GLN C 23 16.71 9.49 16.74
CA GLN C 23 16.14 8.17 16.51
C GLN C 23 15.02 8.29 15.50
N GLY C 24 15.21 7.69 14.32
CA GLY C 24 14.19 7.73 13.28
C GLY C 24 14.74 8.16 11.95
N ILE C 25 13.88 8.71 11.10
CA ILE C 25 14.29 9.18 9.78
C ILE C 25 14.28 10.70 9.77
N ILE C 26 15.19 11.29 9.01
CA ILE C 26 15.30 12.73 8.85
C ILE C 26 15.15 13.07 7.38
N ASN C 27 14.28 14.03 7.07
CA ASN C 27 14.03 14.47 5.71
C ASN C 27 13.57 13.31 4.82
N PHE C 28 12.68 12.49 5.36
CA PHE C 28 12.09 11.40 4.59
C PHE C 28 11.05 11.96 3.63
N GLU C 29 11.19 11.63 2.35
CA GLU C 29 10.38 12.21 1.29
C GLU C 29 9.79 11.13 0.40
N GLN C 30 9.19 10.11 1.00
CA GLN C 30 8.52 9.06 0.24
C GLN C 30 7.44 9.67 -0.64
N LYS C 31 7.41 9.27 -1.91
CA LYS C 31 6.53 9.92 -2.87
C LYS C 31 6.10 8.94 -3.94
N GLU C 32 4.78 8.90 -4.20
CA GLU C 32 4.20 8.10 -5.28
C GLU C 32 4.60 6.63 -5.16
N SER C 33 4.58 6.11 -3.94
CA SER C 33 5.00 4.75 -3.66
C SER C 33 3.86 3.97 -3.00
N ASN C 34 4.18 2.76 -2.56
CA ASN C 34 3.22 1.91 -1.84
C ASN C 34 4.03 1.05 -0.87
N GLY C 35 4.04 1.45 0.39
CA GLY C 35 4.78 0.73 1.40
C GLY C 35 4.48 1.21 2.80
N PRO C 36 4.19 0.27 3.69
CA PRO C 36 3.94 0.61 5.11
C PRO C 36 5.23 0.90 5.87
N VAL C 37 5.71 2.15 5.74
CA VAL C 37 6.91 2.57 6.45
C VAL C 37 6.66 2.53 7.94
N LYS C 38 7.56 1.87 8.66
CA LYS C 38 7.47 1.71 10.11
C LYS C 38 8.76 2.15 10.75
N VAL C 39 8.67 3.00 11.77
CA VAL C 39 9.83 3.50 12.49
C VAL C 39 9.69 3.09 13.95
N TRP C 40 10.70 2.42 14.48
CA TRP C 40 10.71 1.98 15.87
C TRP C 40 11.90 2.63 16.57
N GLY C 41 11.62 3.34 17.66
CA GLY C 41 12.67 3.99 18.41
C GLY C 41 12.60 3.70 19.90
N SER C 42 13.64 3.09 20.44
CA SER C 42 13.70 2.73 21.84
C SER C 42 15.02 3.21 22.42
N ILE C 43 14.98 3.74 23.64
CA ILE C 43 16.18 4.18 24.36
C ILE C 43 15.94 3.97 25.85
N LYS C 44 16.76 3.12 26.48
CA LYS C 44 16.63 2.82 27.89
C LYS C 44 17.93 3.16 28.61
N GLY C 45 18.06 4.41 29.02
CA GLY C 45 19.22 4.86 29.77
C GLY C 45 19.03 6.29 30.26
N LEU C 46 20.11 6.90 30.74
CA LEU C 46 20.01 8.24 31.30
C LEU C 46 21.02 9.17 30.64
N THR C 47 20.61 10.42 30.47
CA THR C 47 21.43 11.47 29.89
C THR C 47 21.60 12.60 30.89
N GLU C 48 22.66 13.39 30.71
CA GLU C 48 22.97 14.49 31.61
C GLU C 48 23.23 15.75 30.80
N GLY C 49 23.26 16.88 31.50
CA GLY C 49 23.51 18.16 30.86
C GLY C 49 24.81 18.79 31.31
N UNK D 1 27.65 34.05 20.60
CA UNK D 1 26.77 34.73 19.63
C UNK D 1 26.27 33.75 18.59
N UNK D 2 25.59 32.69 19.04
CA UNK D 2 25.06 31.69 18.13
C UNK D 2 23.95 32.28 17.28
N UNK D 3 24.02 32.04 15.97
CA UNK D 3 23.01 32.54 15.05
C UNK D 3 22.76 31.52 13.95
N UNK D 4 21.49 31.29 13.64
CA UNK D 4 21.08 30.37 12.58
C UNK D 4 20.33 31.18 11.52
N UNK D 5 20.81 31.12 10.29
CA UNK D 5 20.23 31.87 9.18
C UNK D 5 19.93 30.93 8.03
N UNK D 6 18.71 31.01 7.50
CA UNK D 6 18.30 30.24 6.34
C UNK D 6 17.60 31.17 5.36
N UNK D 7 18.02 31.14 4.10
CA UNK D 7 17.47 32.00 3.07
C UNK D 7 17.09 31.17 1.85
N UNK D 8 16.17 31.71 1.07
CA UNK D 8 15.70 31.04 -0.14
C UNK D 8 15.19 32.04 -1.16
N ALA E 9 7.49 25.22 -4.20
CA ALA E 9 6.08 25.01 -3.91
C ALA E 9 5.87 24.71 -2.43
N THR E 10 6.64 23.76 -1.89
CA THR E 10 6.54 23.37 -0.50
C THR E 10 7.91 23.42 0.15
N LYS E 11 7.96 23.91 1.39
CA LYS E 11 9.19 23.99 2.16
C LYS E 11 8.95 23.39 3.54
N ALA E 12 10.03 22.94 4.17
CA ALA E 12 9.95 22.35 5.50
C ALA E 12 11.26 22.60 6.23
N VAL E 13 11.19 23.28 7.37
CA VAL E 13 12.36 23.58 8.19
C VAL E 13 12.08 23.11 9.61
N ALA E 14 13.02 22.37 10.18
CA ALA E 14 12.90 21.86 11.55
C ALA E 14 14.15 22.27 12.33
N VAL E 15 13.94 22.94 13.47
CA VAL E 15 15.03 23.39 14.32
C VAL E 15 14.72 23.00 15.75
N LEU E 16 15.68 22.37 16.42
CA LEU E 16 15.56 22.02 17.82
C LEU E 16 16.88 22.30 18.52
N LYS E 17 16.80 22.92 19.69
CA LYS E 17 17.99 23.28 20.47
C LYS E 17 17.85 22.70 21.87
N GLY E 18 17.48 21.44 21.96
CA GLY E 18 17.22 20.81 23.23
C GLY E 18 17.98 19.52 23.42
N ASP E 19 18.36 19.25 24.67
CA ASP E 19 19.09 18.03 25.00
C ASP E 19 18.24 16.78 24.83
N GLY E 20 16.92 16.92 24.75
CA GLY E 20 16.04 15.79 24.61
C GLY E 20 16.26 15.00 23.34
N PRO E 21 16.19 13.68 23.44
CA PRO E 21 16.32 12.83 22.25
C PRO E 21 15.16 13.04 21.28
N VAL E 22 15.47 12.84 20.00
CA VAL E 22 14.47 12.93 18.94
C VAL E 22 14.01 11.52 18.60
N GLN E 23 12.71 11.30 18.59
CA GLN E 23 12.13 9.98 18.33
C GLN E 23 11.01 10.14 17.30
N GLY E 24 11.21 9.56 16.12
CA GLY E 24 10.21 9.63 15.07
C GLY E 24 10.77 10.09 13.74
N ILE E 25 9.92 10.65 12.90
CA ILE E 25 10.34 11.15 11.60
C ILE E 25 10.34 12.68 11.62
N ILE E 26 11.27 13.27 10.88
CA ILE E 26 11.39 14.72 10.76
C ILE E 26 11.25 15.08 9.29
N ASN E 27 10.39 16.07 9.01
CA ASN E 27 10.15 16.54 7.65
C ASN E 27 9.69 15.40 6.73
N PHE E 28 8.80 14.57 7.24
CA PHE E 28 8.20 13.50 6.45
C PHE E 28 7.18 14.09 5.49
N GLU E 29 7.33 13.79 4.20
CA GLU E 29 6.52 14.40 3.14
C GLU E 29 5.95 13.34 2.23
N GLN E 30 5.33 12.31 2.81
CA GLN E 30 4.66 11.29 2.01
C GLN E 30 3.59 11.92 1.14
N LYS E 31 3.56 11.56 -0.14
CA LYS E 31 2.71 12.23 -1.10
C LYS E 31 2.27 11.27 -2.20
N GLU E 32 0.96 11.25 -2.47
CA GLU E 32 0.38 10.47 -3.56
C GLU E 32 0.77 9.00 -3.47
N SER E 33 0.74 8.46 -2.27
CA SER E 33 1.14 7.08 -2.02
C SER E 33 0.00 6.30 -1.38
N ASN E 34 0.29 5.07 -0.96
CA ASN E 34 -0.67 4.23 -0.28
C ASN E 34 0.12 3.35 0.68
N GLY E 35 0.13 3.71 1.96
CA GLY E 35 0.86 2.96 2.95
C GLY E 35 0.54 3.41 4.36
N PRO E 36 0.23 2.45 5.24
CA PRO E 36 -0.02 2.76 6.65
C PRO E 36 1.26 3.03 7.43
N VAL E 37 1.75 4.27 7.33
CA VAL E 37 2.94 4.67 8.06
C VAL E 37 2.69 4.61 9.55
N LYS E 38 3.57 3.92 10.26
CA LYS E 38 3.46 3.72 11.70
C LYS E 38 4.76 4.15 12.37
N VAL E 39 4.66 4.97 13.41
CA VAL E 39 5.81 5.45 14.15
C VAL E 39 5.65 5.02 15.60
N TRP E 40 6.66 4.33 16.12
CA TRP E 40 6.66 3.84 17.50
C TRP E 40 7.84 4.47 18.22
N GLY E 41 7.56 5.15 19.33
CA GLY E 41 8.60 5.79 20.10
C GLY E 41 8.52 5.47 21.58
N SER E 42 9.56 4.83 22.12
CA SER E 42 9.60 4.44 23.52
C SER E 42 10.92 4.90 24.11
N ILE E 43 10.87 5.41 25.34
CA ILE E 43 12.06 5.82 26.08
C ILE E 43 11.81 5.58 27.57
N LYS E 44 12.62 4.72 28.18
CA LYS E 44 12.48 4.39 29.59
C LYS E 44 13.77 4.71 30.33
N GLY E 45 13.91 5.95 30.77
CA GLY E 45 15.06 6.37 31.54
C GLY E 45 14.87 7.78 32.05
N LEU E 46 15.95 8.38 32.56
CA LEU E 46 15.86 9.70 33.15
C LEU E 46 16.89 10.64 32.51
N THR E 47 16.48 11.90 32.37
CA THR E 47 17.32 12.96 31.81
C THR E 47 17.49 14.06 32.85
N GLU E 48 18.55 14.85 32.69
CA GLU E 48 18.86 15.92 33.62
C GLU E 48 19.14 17.20 32.84
N GLY E 49 19.16 18.31 33.56
CA GLY E 49 19.44 19.60 32.96
C GLY E 49 20.74 20.22 33.43
N UNK F 1 23.77 35.69 23.08
CA UNK F 1 22.91 36.38 22.13
C UNK F 1 22.42 35.43 21.05
N UNK F 2 21.73 34.38 21.47
CA UNK F 2 21.20 33.39 20.54
C UNK F 2 20.10 34.02 19.69
N UNK F 3 20.16 33.79 18.38
CA UNK F 3 19.18 34.34 17.45
C UNK F 3 18.93 33.33 16.34
N UNK F 4 17.66 33.11 16.01
CA UNK F 4 17.26 32.23 14.93
C UNK F 4 16.51 33.06 13.88
N UNK F 5 17.01 33.03 12.65
CA UNK F 5 16.44 33.81 11.56
C UNK F 5 16.15 32.89 10.38
N UNK F 6 14.94 33.00 9.84
CA UNK F 6 14.53 32.26 8.65
C UNK F 6 13.85 33.20 7.70
N UNK F 7 14.28 33.21 6.44
CA UNK F 7 13.74 34.09 5.43
C UNK F 7 13.37 33.29 4.18
N UNK F 8 12.45 33.85 3.41
CA UNK F 8 12.00 33.22 2.18
C UNK F 8 11.50 34.24 1.17
N ALA G 9 -8.23 -24.80 5.23
CA ALA G 9 -8.67 -23.51 5.75
C ALA G 9 -9.39 -22.70 4.69
N THR G 10 -8.77 -22.58 3.51
CA THR G 10 -9.34 -21.83 2.40
C THR G 10 -9.35 -22.69 1.15
N LYS G 11 -10.43 -22.61 0.39
CA LYS G 11 -10.57 -23.34 -0.87
C LYS G 11 -11.02 -22.39 -1.96
N ALA G 12 -10.73 -22.74 -3.21
CA ALA G 12 -11.11 -21.92 -4.35
C ALA G 12 -11.33 -22.83 -5.55
N VAL G 13 -12.53 -22.78 -6.12
CA VAL G 13 -12.89 -23.58 -7.28
C VAL G 13 -13.47 -22.65 -8.33
N ALA G 14 -12.97 -22.76 -9.56
CA ALA G 14 -13.45 -21.95 -10.68
C ALA G 14 -13.83 -22.87 -11.83
N VAL G 15 -15.07 -22.72 -12.31
CA VAL G 15 -15.58 -23.54 -13.40
C VAL G 15 -16.23 -22.61 -14.42
N LEU G 16 -15.87 -22.79 -15.69
CA LEU G 16 -16.48 -22.03 -16.78
C LEU G 16 -16.70 -22.98 -17.95
N LYS G 17 -17.89 -22.89 -18.56
CA LYS G 17 -18.24 -23.75 -19.68
C LYS G 17 -18.70 -22.87 -20.84
N GLY G 18 -17.92 -21.84 -21.13
CA GLY G 18 -18.29 -20.86 -22.15
C GLY G 18 -17.20 -20.67 -23.18
N ASP G 19 -17.63 -20.39 -24.42
CA ASP G 19 -16.71 -20.16 -25.52
C ASP G 19 -15.92 -18.86 -25.34
N GLY G 20 -16.39 -17.96 -24.47
CA GLY G 20 -15.73 -16.69 -24.26
C GLY G 20 -14.32 -16.82 -23.74
N PRO G 21 -13.42 -15.98 -24.24
CA PRO G 21 -12.04 -15.98 -23.74
C PRO G 21 -11.97 -15.54 -22.28
N VAL G 22 -10.97 -16.08 -21.58
CA VAL G 22 -10.70 -15.70 -20.19
C VAL G 22 -9.58 -14.67 -20.18
N GLN G 23 -9.82 -13.55 -19.50
CA GLN G 23 -8.86 -12.46 -19.43
C GLN G 23 -8.71 -12.03 -17.98
N GLY G 24 -7.51 -12.22 -17.43
CA GLY G 24 -7.26 -11.84 -16.05
C GLY G 24 -6.63 -12.95 -15.24
N ILE G 25 -6.81 -12.90 -13.92
CA ILE G 25 -6.28 -13.92 -13.03
C ILE G 25 -7.43 -14.77 -12.51
N ILE G 26 -7.15 -16.05 -12.28
CA ILE G 26 -8.12 -17.00 -11.75
C ILE G 26 -7.56 -17.58 -10.47
N ASN G 27 -8.38 -17.57 -9.41
CA ASN G 27 -7.99 -18.09 -8.10
C ASN G 27 -6.75 -17.40 -7.56
N PHE G 28 -6.70 -16.07 -7.72
CA PHE G 28 -5.62 -15.27 -7.17
C PHE G 28 -5.79 -15.13 -5.67
N GLU G 29 -4.77 -15.50 -4.91
CA GLU G 29 -4.84 -15.58 -3.45
C GLU G 29 -3.67 -14.83 -2.82
N GLN G 30 -3.44 -13.59 -3.26
CA GLN G 30 -2.41 -12.75 -2.64
C GLN G 30 -2.69 -12.59 -1.16
N LYS G 31 -1.66 -12.77 -0.33
CA LYS G 31 -1.86 -12.80 1.11
C LYS G 31 -0.63 -12.29 1.83
N GLU G 32 -0.85 -11.36 2.77
CA GLU G 32 0.21 -10.84 3.64
C GLU G 32 1.38 -10.27 2.83
N SER G 33 1.05 -9.55 1.77
CA SER G 33 2.05 -9.00 0.87
C SER G 33 1.90 -7.49 0.78
N ASN G 34 2.65 -6.89 -0.13
CA ASN G 34 2.58 -5.44 -0.39
C ASN G 34 2.91 -5.23 -1.86
N GLY G 35 1.89 -5.04 -2.68
CA GLY G 35 2.08 -4.85 -4.09
C GLY G 35 0.81 -4.41 -4.80
N PRO G 36 0.91 -3.36 -5.60
CA PRO G 36 -0.25 -2.89 -6.39
C PRO G 36 -0.52 -3.77 -7.61
N VAL G 37 -1.23 -4.87 -7.37
CA VAL G 37 -1.60 -5.77 -8.45
C VAL G 37 -2.52 -5.05 -9.43
N LYS G 38 -2.16 -5.11 -10.71
CA LYS G 38 -2.91 -4.46 -11.77
C LYS G 38 -3.22 -5.48 -12.86
N VAL G 39 -4.48 -5.53 -13.28
CA VAL G 39 -4.93 -6.44 -14.33
C VAL G 39 -5.52 -5.60 -15.46
N TRP G 40 -5.00 -5.81 -16.66
CA TRP G 40 -5.46 -5.10 -17.85
C TRP G 40 -6.01 -6.11 -18.84
N GLY G 41 -7.26 -5.93 -19.24
CA GLY G 41 -7.87 -6.83 -20.20
C GLY G 41 -8.53 -6.11 -21.35
N SER G 42 -8.06 -6.37 -22.57
CA SER G 42 -8.59 -5.74 -23.77
C SER G 42 -8.89 -6.81 -24.80
N ILE G 43 -10.01 -6.65 -25.51
CA ILE G 43 -10.40 -7.56 -26.58
C ILE G 43 -11.17 -6.76 -27.62
N LYS G 44 -10.65 -6.68 -28.84
CA LYS G 44 -11.28 -5.93 -29.91
C LYS G 44 -11.56 -6.86 -31.09
N GLY G 45 -12.71 -7.53 -31.06
CA GLY G 45 -13.13 -8.39 -32.14
C GLY G 45 -14.54 -8.89 -31.92
N LEU G 46 -14.96 -9.88 -32.69
CA LEU G 46 -16.32 -10.38 -32.61
C LEU G 46 -16.34 -11.88 -32.40
N THR G 47 -17.32 -12.34 -31.62
CA THR G 47 -17.51 -13.75 -31.31
C THR G 47 -18.90 -14.17 -31.79
N GLU G 48 -19.07 -15.47 -32.00
CA GLU G 48 -20.33 -16.02 -32.49
C GLU G 48 -20.73 -17.21 -31.62
N GLY G 49 -21.98 -17.62 -31.77
CA GLY G 49 -22.50 -18.76 -31.03
C GLY G 49 -22.85 -19.94 -31.91
N UNK H 1 -27.28 -34.33 -20.55
CA UNK H 1 -27.50 -34.38 -19.10
C UNK H 1 -26.30 -33.81 -18.36
N UNK H 2 -25.97 -32.55 -18.66
CA UNK H 2 -24.84 -31.89 -18.01
C UNK H 2 -25.13 -31.68 -16.53
N UNK H 3 -24.17 -32.03 -15.67
CA UNK H 3 -24.33 -31.88 -14.24
C UNK H 3 -22.99 -31.48 -13.63
N UNK H 4 -23.03 -30.50 -12.73
CA UNK H 4 -21.85 -30.05 -12.01
C UNK H 4 -22.07 -30.28 -10.52
N UNK H 5 -21.15 -31.04 -9.91
CA UNK H 5 -21.26 -31.40 -8.50
C UNK H 5 -19.96 -31.03 -7.79
N UNK H 6 -20.09 -30.35 -6.66
CA UNK H 6 -18.96 -30.00 -5.82
C UNK H 6 -19.31 -30.32 -4.37
N UNK H 7 -18.43 -31.06 -3.70
CA UNK H 7 -18.65 -31.48 -2.33
C UNK H 7 -17.43 -31.14 -1.47
N UNK H 8 -17.67 -31.01 -0.17
CA UNK H 8 -16.59 -30.69 0.77
C UNK H 8 -16.92 -31.22 2.16
N ALA I 9 -12.19 -22.50 6.70
CA ALA I 9 -12.63 -21.22 7.23
C ALA I 9 -13.34 -20.40 6.16
N THR I 10 -12.71 -20.27 4.99
CA THR I 10 -13.28 -19.52 3.88
C THR I 10 -13.27 -20.37 2.61
N LYS I 11 -14.35 -20.28 1.85
CA LYS I 11 -14.49 -21.01 0.59
C LYS I 11 -14.94 -20.04 -0.50
N ALA I 12 -14.64 -20.39 -1.74
CA ALA I 12 -15.01 -19.57 -2.88
C ALA I 12 -15.23 -20.46 -4.09
N VAL I 13 -16.43 -20.41 -4.66
CA VAL I 13 -16.78 -21.20 -5.84
C VAL I 13 -17.35 -20.25 -6.89
N ALA I 14 -16.85 -20.36 -8.11
CA ALA I 14 -17.32 -19.54 -9.23
C ALA I 14 -17.70 -20.46 -10.38
N VAL I 15 -18.93 -20.30 -10.86
CA VAL I 15 -19.45 -21.12 -11.97
C VAL I 15 -20.09 -20.18 -12.99
N LEU I 16 -19.72 -20.35 -14.25
CA LEU I 16 -20.31 -19.58 -15.34
C LEU I 16 -20.54 -20.52 -16.52
N LYS I 17 -21.72 -20.43 -17.13
CA LYS I 17 -22.08 -21.28 -18.26
C LYS I 17 -22.51 -20.38 -19.42
N GLY I 18 -21.74 -19.35 -19.71
CA GLY I 18 -22.10 -18.38 -20.72
C GLY I 18 -21.01 -18.18 -21.73
N ASP I 19 -21.42 -17.89 -22.97
CA ASP I 19 -20.50 -17.65 -24.07
C ASP I 19 -19.71 -16.35 -23.87
N GLY I 20 -20.18 -15.46 -23.01
CA GLY I 20 -19.52 -14.20 -22.78
C GLY I 20 -18.11 -14.33 -22.24
N PRO I 21 -17.21 -13.50 -22.74
CA PRO I 21 -15.83 -13.50 -22.23
C PRO I 21 -15.77 -13.07 -20.78
N VAL I 22 -14.77 -13.60 -20.07
CA VAL I 22 -14.51 -13.24 -18.68
C VAL I 22 -13.40 -12.21 -18.66
N GLN I 23 -13.63 -11.10 -17.97
CA GLN I 23 -12.67 -10.00 -17.90
C GLN I 23 -12.53 -9.58 -16.44
N GLY I 24 -11.33 -9.79 -15.88
CA GLY I 24 -11.07 -9.41 -14.50
C GLY I 24 -10.46 -10.53 -13.68
N ILE I 25 -10.64 -10.48 -12.38
CA ILE I 25 -10.12 -11.52 -11.48
C ILE I 25 -11.28 -12.37 -10.98
N ILE I 26 -11.00 -13.65 -10.76
CA ILE I 26 -11.97 -14.60 -10.23
C ILE I 26 -11.42 -15.19 -8.95
N ASN I 27 -12.25 -15.19 -7.90
CA ASN I 27 -11.87 -15.72 -6.59
C ASN I 27 -10.62 -15.03 -6.05
N PHE I 28 -10.58 -13.70 -6.19
CA PHE I 28 -9.49 -12.91 -5.64
C PHE I 28 -9.68 -12.78 -4.13
N GLU I 29 -8.65 -13.15 -3.37
CA GLU I 29 -8.73 -13.23 -1.91
C GLU I 29 -7.57 -12.49 -1.27
N GLN I 30 -7.33 -11.26 -1.70
CA GLN I 30 -6.31 -10.42 -1.07
C GLN I 30 -6.59 -10.26 0.42
N LYS I 31 -5.56 -10.45 1.24
CA LYS I 31 -5.77 -10.50 2.68
C LYS I 31 -4.53 -9.98 3.41
N GLU I 32 -4.76 -9.07 4.36
CA GLU I 32 -3.71 -8.55 5.24
C GLU I 32 -2.54 -7.99 4.43
N SER I 33 -2.86 -7.25 3.37
CA SER I 33 -1.85 -6.71 2.49
C SER I 33 -2.00 -5.19 2.41
N ASN I 34 -1.24 -4.58 1.50
CA ASN I 34 -1.31 -3.14 1.26
C ASN I 34 -0.97 -2.92 -0.22
N GLY I 35 -1.99 -2.72 -1.04
CA GLY I 35 -1.80 -2.52 -2.45
C GLY I 35 -3.06 -2.07 -3.15
N PRO I 36 -2.95 -1.02 -3.95
CA PRO I 36 -4.09 -0.53 -4.74
C PRO I 36 -4.36 -1.41 -5.97
N VAL I 37 -5.08 -2.51 -5.74
CA VAL I 37 -5.45 -3.41 -6.83
C VAL I 37 -6.36 -2.68 -7.82
N LYS I 38 -6.00 -2.73 -9.09
CA LYS I 38 -6.74 -2.07 -10.15
C LYS I 38 -7.04 -3.07 -11.25
N VAL I 39 -8.30 -3.12 -11.68
CA VAL I 39 -8.75 -4.03 -12.73
C VAL I 39 -9.32 -3.19 -13.86
N TRP I 40 -8.81 -3.39 -15.06
CA TRP I 40 -9.26 -2.67 -16.24
C TRP I 40 -9.80 -3.67 -17.24
N GLY I 41 -11.06 -3.48 -17.65
CA GLY I 41 -11.67 -4.38 -18.61
C GLY I 41 -12.32 -3.65 -19.77
N SER I 42 -11.84 -3.90 -20.98
CA SER I 42 -12.37 -3.26 -22.18
C SER I 42 -12.66 -4.32 -23.23
N ILE I 43 -13.78 -4.16 -23.93
CA ILE I 43 -14.16 -5.06 -25.02
C ILE I 43 -14.93 -4.25 -26.05
N LYS I 44 -14.40 -4.17 -27.27
CA LYS I 44 -15.02 -3.41 -28.35
C LYS I 44 -15.30 -4.33 -29.53
N GLY I 45 -16.46 -4.99 -29.51
CA GLY I 45 -16.87 -5.85 -30.59
C GLY I 45 -18.28 -6.35 -30.37
N LEU I 46 -18.70 -7.33 -31.17
CA LEU I 46 -20.07 -7.83 -31.10
C LEU I 46 -20.08 -9.33 -30.89
N THR I 47 -21.06 -9.79 -30.12
CA THR I 47 -21.26 -11.21 -29.83
C THR I 47 -22.65 -11.62 -30.30
N GLU I 48 -22.82 -12.92 -30.53
CA GLU I 48 -24.07 -13.46 -31.02
C GLU I 48 -24.48 -14.66 -30.17
N GLY I 49 -25.73 -15.07 -30.33
CA GLY I 49 -26.25 -16.20 -29.60
C GLY I 49 -26.60 -17.38 -30.49
N UNK J 1 -31.13 -31.83 -19.25
CA UNK J 1 -31.35 -31.90 -17.80
C UNK J 1 -30.15 -31.33 -17.05
N UNK J 2 -29.83 -30.07 -17.33
CA UNK J 2 -28.70 -29.42 -16.67
C UNK J 2 -29.00 -29.21 -15.20
N UNK J 3 -28.04 -29.57 -14.34
CA UNK J 3 -28.20 -29.43 -12.90
C UNK J 3 -26.86 -29.04 -12.28
N UNK J 4 -26.90 -28.06 -11.38
CA UNK J 4 -25.73 -27.61 -10.65
C UNK J 4 -25.95 -27.86 -9.16
N UNK J 5 -25.05 -28.62 -8.55
CA UNK J 5 -25.16 -28.99 -7.14
C UNK J 5 -23.87 -28.63 -6.42
N UNK J 6 -24.00 -27.95 -5.28
CA UNK J 6 -22.87 -27.61 -4.44
C UNK J 6 -23.23 -27.95 -3.00
N UNK J 7 -22.35 -28.68 -2.33
CA UNK J 7 -22.58 -29.12 -0.95
C UNK J 7 -21.37 -28.78 -0.10
N UNK J 8 -21.60 -28.67 1.20
CA UNK J 8 -20.54 -28.35 2.16
C UNK J 8 -20.88 -28.90 3.54
N ALA K 9 -16.33 -20.32 8.06
CA ALA K 9 -16.76 -19.04 8.60
C ALA K 9 -17.46 -18.20 7.53
N THR K 10 -16.82 -18.06 6.37
CA THR K 10 -17.36 -17.29 5.27
C THR K 10 -17.36 -18.12 3.99
N LYS K 11 -18.43 -18.01 3.21
CA LYS K 11 -18.56 -18.72 1.95
C LYS K 11 -18.98 -17.73 0.87
N ALA K 12 -18.67 -18.07 -0.37
CA ALA K 12 -19.03 -17.22 -1.51
C ALA K 12 -19.24 -18.11 -2.73
N VAL K 13 -20.44 -18.03 -3.31
CA VAL K 13 -20.78 -18.80 -4.50
C VAL K 13 -21.33 -17.84 -5.54
N ALA K 14 -20.82 -17.94 -6.77
CA ALA K 14 -21.27 -17.10 -7.88
C ALA K 14 -21.65 -18.00 -9.04
N VAL K 15 -22.88 -17.83 -9.54
CA VAL K 15 -23.38 -18.61 -10.66
C VAL K 15 -24.00 -17.66 -11.67
N LEU K 16 -23.63 -17.81 -12.94
CA LEU K 16 -24.21 -17.03 -14.02
C LEU K 16 -24.43 -17.95 -15.21
N LYS K 17 -25.61 -17.84 -15.83
CA LYS K 17 -25.95 -18.67 -16.98
C LYS K 17 -26.38 -17.76 -18.13
N GLY K 18 -25.58 -16.74 -18.40
CA GLY K 18 -25.93 -15.75 -19.40
C GLY K 18 -24.82 -15.54 -20.40
N ASP K 19 -25.23 -15.24 -21.64
CA ASP K 19 -24.29 -14.99 -22.72
C ASP K 19 -23.48 -13.70 -22.51
N GLY K 20 -23.96 -12.82 -21.63
CA GLY K 20 -23.28 -11.56 -21.38
C GLY K 20 -21.88 -11.72 -20.84
N PRO K 21 -20.97 -10.88 -21.32
CA PRO K 21 -19.59 -10.91 -20.79
C PRO K 21 -19.55 -10.50 -19.33
N VAL K 22 -18.56 -11.05 -18.62
CA VAL K 22 -18.31 -10.71 -17.23
C VAL K 22 -17.18 -9.69 -17.18
N GLN K 23 -17.41 -8.59 -16.47
CA GLN K 23 -16.44 -7.49 -16.37
C GLN K 23 -16.30 -7.10 -14.91
N GLY K 24 -15.12 -7.32 -14.34
CA GLY K 24 -14.88 -6.97 -12.96
C GLY K 24 -14.28 -8.11 -12.15
N ILE K 25 -14.48 -8.07 -10.84
CA ILE K 25 -13.97 -9.13 -9.96
C ILE K 25 -15.14 -9.97 -9.48
N ILE K 26 -14.87 -11.25 -9.27
CA ILE K 26 -15.87 -12.20 -8.77
C ILE K 26 -15.33 -12.81 -7.49
N ASN K 27 -16.17 -12.81 -6.45
CA ASN K 27 -15.81 -13.37 -5.15
C ASN K 27 -14.56 -12.69 -4.58
N PHE K 28 -14.50 -11.37 -4.71
CA PHE K 28 -13.42 -10.59 -4.13
C PHE K 28 -13.61 -10.49 -2.61
N GLU K 29 -12.60 -10.87 -1.85
CA GLU K 29 -12.69 -10.98 -0.40
C GLU K 29 -11.53 -10.25 0.27
N GLN K 30 -11.28 -9.01 -0.14
CA GLN K 30 -10.25 -8.20 0.50
C GLN K 30 -10.54 -8.05 1.99
N LYS K 31 -9.53 -8.27 2.82
CA LYS K 31 -9.75 -8.33 4.26
C LYS K 31 -8.52 -7.83 5.01
N GLU K 32 -8.75 -6.94 5.97
CA GLU K 32 -7.71 -6.44 6.86
C GLU K 32 -6.52 -5.87 6.07
N SER K 33 -6.81 -5.12 5.02
CA SER K 33 -5.79 -4.57 4.15
C SER K 33 -5.93 -3.06 4.09
N ASN K 34 -5.15 -2.44 3.20
CA ASN K 34 -5.20 -1.00 2.97
C ASN K 34 -4.84 -0.77 1.51
N GLY K 35 -5.86 -0.54 0.68
CA GLY K 35 -5.64 -0.32 -0.73
C GLY K 35 -6.90 0.14 -1.44
N PRO K 36 -6.77 1.20 -2.22
CA PRO K 36 -7.91 1.71 -3.02
C PRO K 36 -8.18 0.85 -4.26
N VAL K 37 -8.90 -0.24 -4.05
CA VAL K 37 -9.27 -1.11 -5.16
C VAL K 37 -10.16 -0.37 -6.14
N LYS K 38 -9.78 -0.41 -7.41
CA LYS K 38 -10.50 0.28 -8.47
C LYS K 38 -10.82 -0.71 -9.58
N VAL K 39 -12.07 -0.74 -10.03
CA VAL K 39 -12.52 -1.63 -11.09
C VAL K 39 -13.08 -0.77 -12.22
N TRP K 40 -12.54 -0.95 -13.42
CA TRP K 40 -12.98 -0.21 -14.60
C TRP K 40 -13.51 -1.21 -15.62
N GLY K 41 -14.76 -1.00 -16.04
CA GLY K 41 -15.37 -1.88 -17.02
C GLY K 41 -16.01 -1.13 -18.17
N SER K 42 -15.52 -1.36 -19.38
CA SER K 42 -16.02 -0.70 -20.57
C SER K 42 -16.32 -1.75 -21.64
N ILE K 43 -17.43 -1.57 -22.34
CA ILE K 43 -17.80 -2.45 -23.45
C ILE K 43 -18.56 -1.62 -24.48
N LYS K 44 -18.02 -1.53 -25.69
CA LYS K 44 -18.63 -0.75 -26.77
C LYS K 44 -18.90 -1.65 -27.97
N GLY K 45 -20.05 -2.30 -27.96
CA GLY K 45 -20.46 -3.15 -29.06
C GLY K 45 -21.89 -3.62 -28.87
N LEU K 46 -22.31 -4.59 -29.68
CA LEU K 46 -23.68 -5.08 -29.62
C LEU K 46 -23.71 -6.59 -29.44
N THR K 47 -24.70 -7.05 -28.68
CA THR K 47 -24.92 -8.46 -28.41
C THR K 47 -26.31 -8.86 -28.91
N GLU K 48 -26.49 -10.16 -29.15
CA GLU K 48 -27.75 -10.68 -29.66
C GLU K 48 -28.17 -11.87 -28.83
N GLY K 49 -29.43 -12.27 -29.01
CA GLY K 49 -29.98 -13.41 -28.29
C GLY K 49 -30.32 -14.57 -29.20
N UNK L 1 -35.11 -29.12 -18.19
CA UNK L 1 -35.34 -29.19 -16.76
C UNK L 1 -34.15 -28.65 -15.98
N UNK L 2 -33.80 -27.39 -16.24
CA UNK L 2 -32.68 -26.76 -15.56
C UNK L 2 -32.99 -26.57 -14.08
N UNK L 3 -32.05 -26.95 -13.23
CA UNK L 3 -32.22 -26.83 -11.79
C UNK L 3 -30.88 -26.45 -11.15
N UNK L 4 -30.92 -25.49 -10.24
CA UNK L 4 -29.74 -25.06 -9.49
C UNK L 4 -30.00 -25.34 -8.01
N UNK L 5 -29.11 -26.11 -7.39
CA UNK L 5 -29.23 -26.49 -5.99
C UNK L 5 -27.94 -26.16 -5.26
N UNK L 6 -28.08 -25.50 -4.11
CA UNK L 6 -26.96 -25.17 -3.25
C UNK L 6 -27.32 -25.52 -1.81
N UNK L 7 -26.46 -26.28 -1.15
CA UNK L 7 -26.71 -26.72 0.22
C UNK L 7 -25.51 -26.42 1.08
N UNK L 8 -25.75 -26.31 2.39
CA UNK L 8 -24.70 -26.02 3.35
C UNK L 8 -25.06 -26.57 4.73
#